data_8GFM
#
_entry.id   8GFM
#
_cell.length_a   178.064
_cell.length_b   178.064
_cell.length_c   178.064
_cell.angle_alpha   90.000
_cell.angle_beta   90.000
_cell.angle_gamma   90.000
#
_symmetry.space_group_name_H-M   'I 2 3'
#
loop_
_entity.id
_entity.type
_entity.pdbx_description
1 polymer 'Lytic transglycosylase domain-containing protein'
2 non-polymer '4-AMINO-2-DEOXY-2,3-DEHYDRO-N-ACETYL-NEURAMINIC ACID'
3 non-polymer 'CITRIC ACID'
4 water water
#
_entity_poly.entity_id   1
_entity_poly.type   'polypeptide(L)'
_entity_poly.pdbx_seq_one_letter_code
;MGSSHHHHHHSSGLVPRGSHMQYSIEKLKKEENSLAKDYYIYRLLEKNKISKKDAQDLNSHIFRYIGKIKSELEKIIPLK
PYINPKYAKCYTYTANTILDANLTCQSVRLNSLVFIASLNSKDRTTLAQTFKNQRPDLTNLLLAFNTSDPMSYIVQKEDI
NGFFKLYNYSKKYDLDLNTSLVNKLPNHIGFKDFAQNIIIKKENPKFRHSMLEINPENVSEDSAFYLGVNALTYDKTELA
YDFFKKAAQSFKSQSNKDNAIFWMWLIKNNEEDLKTLSQSSSLNIYSLYAKELTNTPFPKIESLNPSKKKNNFNMQDPFA
WQKINKQIRDANASQLDVLAKEFDTQETLPIYAYILERKNNFKKHYFIMPYYDNIKDYNKTRQALILAIARQESRFIPTA
ISVSYALGMMQFMPFLANHIGEKELKIPNFDQDFMFKPEIAYYFGNYHLNYLESRLKSPLFVAYAYNGGIGFTNRMLARN
DMFKTGKFEPFLSMELVPYQESRIYGKKVLANYIVYRHLLNDSIKISDIFENLIQNKANDLNKS
;
_entity_poly.pdbx_strand_id   A
#
loop_
_chem_comp.id
_chem_comp.type
_chem_comp.name
_chem_comp.formula
4AM D-saccharide '4-AMINO-2-DEOXY-2,3-DEHYDRO-N-ACETYL-NEURAMINIC ACID' 'C11 H18 N2 O7'
CIT non-polymer 'CITRIC ACID' 'C6 H8 O7'
#
# COMPACT_ATOMS: atom_id res chain seq x y z
N TYR A 23 1.32 -21.32 -22.98
CA TYR A 23 2.75 -20.98 -23.32
C TYR A 23 3.71 -21.87 -22.54
N SER A 24 4.63 -22.53 -23.28
CA SER A 24 5.67 -23.38 -22.71
C SER A 24 6.82 -22.55 -22.16
N ILE A 25 7.69 -23.18 -21.38
CA ILE A 25 8.78 -22.48 -20.72
C ILE A 25 9.74 -21.93 -21.77
N GLU A 26 9.75 -22.51 -22.98
CA GLU A 26 10.63 -22.09 -24.07
C GLU A 26 10.18 -20.77 -24.67
N LYS A 27 8.87 -20.62 -24.95
CA LYS A 27 8.32 -19.39 -25.53
C LYS A 27 8.43 -18.25 -24.53
N LEU A 28 8.27 -18.57 -23.24
CA LEU A 28 8.31 -17.58 -22.19
C LEU A 28 9.71 -17.03 -22.05
N LYS A 29 10.71 -17.92 -22.11
CA LYS A 29 12.11 -17.53 -21.99
C LYS A 29 12.46 -16.46 -23.04
N LYS A 30 11.74 -16.41 -24.18
CA LYS A 30 12.00 -15.47 -25.27
C LYS A 30 11.12 -14.21 -25.20
N GLU A 31 10.37 -14.03 -24.12
CA GLU A 31 9.68 -12.77 -23.86
C GLU A 31 10.51 -11.95 -22.87
N GLU A 32 10.27 -10.64 -22.84
CA GLU A 32 10.96 -9.77 -21.89
C GLU A 32 10.47 -10.07 -20.47
N ASN A 33 11.35 -9.87 -19.49
CA ASN A 33 11.01 -10.03 -18.09
C ASN A 33 9.86 -9.04 -17.79
N SER A 34 8.84 -9.53 -17.09
CA SER A 34 7.71 -8.71 -16.70
C SER A 34 6.88 -9.53 -15.72
N LEU A 35 5.91 -8.86 -15.08
CA LEU A 35 5.00 -9.54 -14.19
C LEU A 35 4.15 -10.57 -14.96
N ALA A 36 3.87 -10.31 -16.24
CA ALA A 36 3.06 -11.21 -17.03
C ALA A 36 3.83 -12.52 -17.20
N LYS A 37 5.11 -12.39 -17.52
CA LYS A 37 5.95 -13.54 -17.74
C LYS A 37 6.16 -14.28 -16.43
N ASP A 38 6.35 -13.56 -15.32
CA ASP A 38 6.35 -14.21 -14.01
C ASP A 38 5.05 -14.99 -13.76
N TYR A 39 3.92 -14.39 -14.15
CA TYR A 39 2.62 -14.99 -13.88
C TYR A 39 2.57 -16.37 -14.53
N TYR A 40 2.99 -16.40 -15.79
CA TYR A 40 3.00 -17.60 -16.62
C TYR A 40 4.04 -18.63 -16.18
N ILE A 41 5.17 -18.19 -15.61
CA ILE A 41 6.13 -19.15 -15.09
C ILE A 41 5.56 -19.80 -13.83
N TYR A 42 4.91 -18.97 -13.04
CA TYR A 42 4.27 -19.41 -11.83
C TYR A 42 3.15 -20.40 -12.13
N ARG A 43 2.43 -20.23 -13.24
CA ARG A 43 1.37 -21.18 -13.58
C ARG A 43 1.99 -22.52 -13.95
N LEU A 44 3.16 -22.51 -14.60
CA LEU A 44 3.88 -23.72 -14.89
C LEU A 44 4.35 -24.37 -13.61
N LEU A 45 4.90 -23.57 -12.68
CA LEU A 45 5.41 -24.13 -11.45
C LEU A 45 4.29 -24.78 -10.64
N GLU A 46 3.10 -24.15 -10.63
CA GLU A 46 2.03 -24.63 -9.75
C GLU A 46 1.47 -25.94 -10.35
N LYS A 47 1.65 -26.17 -11.65
CA LYS A 47 1.26 -27.43 -12.26
C LYS A 47 2.42 -28.42 -12.41
N ASN A 48 3.60 -28.15 -11.81
CA ASN A 48 4.73 -29.07 -11.75
C ASN A 48 5.27 -29.37 -13.16
N LYS A 49 5.23 -28.37 -14.06
CA LYS A 49 5.70 -28.50 -15.44
C LYS A 49 7.11 -27.92 -15.62
N ILE A 50 7.74 -27.43 -14.54
CA ILE A 50 9.13 -26.97 -14.59
C ILE A 50 9.98 -28.08 -13.96
N SER A 51 10.81 -28.74 -14.79
CA SER A 51 11.78 -29.71 -14.31
C SER A 51 12.95 -29.02 -13.59
N LYS A 52 13.73 -29.81 -12.83
CA LYS A 52 15.00 -29.37 -12.28
C LYS A 52 15.97 -28.85 -13.36
N LYS A 53 15.83 -29.26 -14.63
CA LYS A 53 16.72 -28.77 -15.68
C LYS A 53 16.25 -27.42 -16.23
N ASP A 54 14.95 -27.27 -16.51
CA ASP A 54 14.34 -26.02 -16.91
C ASP A 54 14.63 -24.93 -15.87
N ALA A 55 14.68 -25.34 -14.60
CA ALA A 55 14.83 -24.48 -13.44
C ALA A 55 16.25 -23.95 -13.20
N GLN A 56 17.26 -24.39 -13.99
CA GLN A 56 18.64 -23.97 -13.76
C GLN A 56 18.76 -22.47 -14.03
N ASP A 57 18.37 -22.04 -15.25
CA ASP A 57 18.75 -20.70 -15.69
C ASP A 57 17.66 -19.68 -15.36
N LEU A 58 16.87 -19.94 -14.31
CA LEU A 58 15.50 -19.46 -14.35
C LEU A 58 15.32 -18.18 -13.57
N ASN A 59 16.07 -17.93 -12.49
CA ASN A 59 15.81 -16.74 -11.67
C ASN A 59 16.37 -15.46 -12.32
N SER A 60 17.03 -15.62 -13.49
CA SER A 60 17.35 -14.53 -14.39
C SER A 60 16.24 -14.30 -15.44
N HIS A 61 15.16 -15.09 -15.38
CA HIS A 61 14.00 -14.88 -16.23
C HIS A 61 12.81 -14.37 -15.41
N ILE A 62 13.07 -13.93 -14.18
CA ILE A 62 12.03 -13.55 -13.25
C ILE A 62 12.20 -12.08 -12.87
N PHE A 63 11.16 -11.29 -13.15
CA PHE A 63 11.15 -9.84 -13.00
C PHE A 63 11.13 -9.47 -11.52
N ARG A 64 10.32 -10.16 -10.73
CA ARG A 64 10.19 -9.83 -9.32
C ARG A 64 10.21 -11.13 -8.53
N TYR A 65 11.40 -11.46 -8.00
CA TYR A 65 11.68 -12.74 -7.38
C TYR A 65 11.29 -12.67 -5.92
N ILE A 66 9.97 -12.65 -5.65
CA ILE A 66 9.47 -12.43 -4.29
C ILE A 66 8.17 -13.22 -4.12
N GLY A 67 7.91 -13.65 -2.88
CA GLY A 67 6.66 -14.34 -2.55
C GLY A 67 6.63 -15.72 -3.21
N LYS A 68 5.47 -16.10 -3.74
CA LYS A 68 5.15 -17.50 -3.97
C LYS A 68 5.92 -18.03 -5.19
N ILE A 69 6.35 -17.19 -6.15
CA ILE A 69 7.10 -17.72 -7.27
C ILE A 69 8.49 -18.15 -6.80
N LYS A 70 8.98 -17.51 -5.74
CA LYS A 70 10.30 -17.79 -5.21
C LYS A 70 10.23 -18.97 -4.25
N SER A 71 9.17 -19.08 -3.44
CA SER A 71 9.05 -20.26 -2.61
C SER A 71 8.85 -21.52 -3.48
N GLU A 72 8.23 -21.37 -4.67
CA GLU A 72 7.93 -22.49 -5.55
C GLU A 72 9.19 -22.95 -6.29
N LEU A 73 10.00 -21.98 -6.76
CA LEU A 73 11.24 -22.28 -7.44
C LEU A 73 12.24 -22.90 -6.47
N GLU A 74 12.17 -22.52 -5.19
CA GLU A 74 13.09 -23.01 -4.18
C GLU A 74 12.72 -24.40 -3.66
N LYS A 75 11.52 -24.89 -4.01
CA LYS A 75 11.15 -26.27 -3.75
C LYS A 75 11.94 -27.18 -4.70
N ILE A 76 12.23 -26.66 -5.90
CA ILE A 76 12.93 -27.39 -6.94
C ILE A 76 14.45 -27.21 -6.80
N ILE A 77 14.93 -25.96 -6.73
CA ILE A 77 16.35 -25.64 -6.54
C ILE A 77 16.56 -24.78 -5.30
N PRO A 78 16.75 -25.40 -4.10
CA PRO A 78 16.77 -24.64 -2.85
C PRO A 78 18.10 -23.89 -2.81
N LEU A 79 18.10 -22.56 -2.98
CA LEU A 79 19.34 -21.82 -2.94
C LEU A 79 19.68 -21.48 -1.48
N LYS A 80 20.97 -21.63 -1.14
CA LYS A 80 21.53 -21.28 0.15
C LYS A 80 22.02 -19.83 0.16
N PRO A 81 22.73 -19.33 -0.90
CA PRO A 81 23.32 -17.98 -0.84
C PRO A 81 22.31 -16.99 -0.25
N TYR A 82 22.74 -15.79 0.16
CA TYR A 82 24.05 -15.21 -0.11
C TYR A 82 24.77 -15.00 1.22
N ILE A 83 26.07 -15.31 1.24
CA ILE A 83 26.97 -14.73 2.22
C ILE A 83 28.14 -14.12 1.46
N ASN A 84 28.38 -12.82 1.72
CA ASN A 84 29.40 -12.01 1.10
C ASN A 84 30.75 -12.75 1.23
N PRO A 85 31.49 -13.06 0.13
CA PRO A 85 32.61 -14.01 0.20
C PRO A 85 33.79 -13.59 1.08
N LYS A 86 33.84 -12.29 1.42
CA LYS A 86 34.95 -11.70 2.15
C LYS A 86 34.79 -11.86 3.67
N TYR A 87 33.53 -11.97 4.15
CA TYR A 87 33.26 -12.24 5.56
C TYR A 87 32.85 -13.70 5.81
N ALA A 88 33.14 -14.63 4.89
CA ALA A 88 32.69 -16.01 4.97
C ALA A 88 33.15 -16.67 6.28
N LYS A 89 34.41 -16.39 6.65
CA LYS A 89 35.06 -16.97 7.80
C LYS A 89 34.39 -16.49 9.09
N CYS A 90 33.76 -15.31 9.05
CA CYS A 90 33.12 -14.73 10.23
C CYS A 90 31.92 -15.57 10.66
N TYR A 91 31.30 -16.27 9.69
CA TYR A 91 30.09 -17.03 9.93
C TYR A 91 30.41 -18.48 10.28
N THR A 92 31.72 -18.84 10.43
CA THR A 92 32.11 -20.15 10.97
C THR A 92 32.21 -20.14 12.50
N TYR A 93 32.15 -18.95 13.13
CA TYR A 93 32.20 -18.84 14.58
C TYR A 93 30.76 -18.90 15.09
N THR A 94 30.61 -19.32 16.34
CA THR A 94 29.35 -19.30 17.05
C THR A 94 29.56 -18.47 18.32
N ALA A 95 28.49 -18.33 19.09
CA ALA A 95 28.53 -17.71 20.42
C ALA A 95 29.62 -18.26 21.33
N ASN A 96 29.97 -19.55 21.17
CA ASN A 96 30.92 -20.21 22.05
C ASN A 96 32.36 -19.94 21.65
N THR A 97 32.61 -19.51 20.41
CA THR A 97 33.95 -19.30 19.90
C THR A 97 34.21 -17.88 19.36
N ILE A 98 33.27 -16.94 19.53
CA ILE A 98 33.42 -15.59 18.96
C ILE A 98 34.66 -14.84 19.51
N LEU A 99 35.09 -15.11 20.75
CA LEU A 99 36.33 -14.52 21.29
C LEU A 99 37.62 -15.03 20.62
N ASP A 100 37.54 -16.06 19.75
CA ASP A 100 38.68 -16.53 18.98
C ASP A 100 38.69 -15.82 17.63
N ALA A 101 37.64 -15.06 17.28
CA ALA A 101 37.56 -14.42 15.97
C ALA A 101 38.30 -13.09 16.00
N ASN A 102 38.81 -12.68 14.83
CA ASN A 102 39.50 -11.41 14.70
C ASN A 102 38.45 -10.32 14.89
N LEU A 103 38.90 -9.08 15.08
CA LEU A 103 38.04 -7.96 15.43
C LEU A 103 37.05 -7.59 14.32
N THR A 104 37.43 -7.71 13.04
CA THR A 104 36.51 -7.46 11.95
C THR A 104 35.32 -8.43 12.04
N CYS A 105 35.62 -9.72 12.29
CA CYS A 105 34.64 -10.79 12.41
C CYS A 105 33.74 -10.56 13.63
N GLN A 106 34.33 -10.28 14.79
CA GLN A 106 33.58 -9.88 15.98
C GLN A 106 32.60 -8.76 15.63
N SER A 107 33.05 -7.72 14.90
CA SER A 107 32.17 -6.56 14.71
C SER A 107 31.02 -6.88 13.74
N VAL A 108 31.28 -7.66 12.68
CA VAL A 108 30.26 -8.06 11.72
C VAL A 108 29.15 -8.89 12.39
N ARG A 109 29.53 -9.87 13.21
CA ARG A 109 28.57 -10.77 13.83
C ARG A 109 27.68 -10.04 14.82
N LEU A 110 28.20 -8.95 15.40
CA LEU A 110 27.51 -8.14 16.38
C LEU A 110 26.50 -7.17 15.74
N ASN A 111 26.39 -7.16 14.40
CA ASN A 111 25.27 -6.53 13.70
C ASN A 111 23.92 -7.19 13.98
N SER A 112 23.94 -8.43 14.49
CA SER A 112 22.73 -9.18 14.77
C SER A 112 22.43 -9.16 16.27
N LEU A 113 21.25 -8.63 16.62
CA LEU A 113 20.84 -8.54 18.02
C LEU A 113 20.52 -9.92 18.58
N VAL A 114 20.04 -10.83 17.73
CA VAL A 114 19.87 -12.21 18.10
C VAL A 114 21.22 -12.85 18.47
N PHE A 115 22.25 -12.60 17.67
CA PHE A 115 23.60 -13.07 18.01
C PHE A 115 24.00 -12.50 19.38
N ILE A 116 23.84 -11.17 19.58
CA ILE A 116 24.14 -10.54 20.88
C ILE A 116 23.35 -11.19 22.01
N ALA A 117 22.04 -11.43 21.78
CA ALA A 117 21.19 -12.09 22.78
C ALA A 117 21.70 -13.50 23.08
N SER A 118 22.26 -14.21 22.09
CA SER A 118 22.77 -15.58 22.30
C SER A 118 24.04 -15.63 23.16
N LEU A 119 24.81 -14.53 23.25
CA LEU A 119 26.11 -14.58 23.92
C LEU A 119 25.90 -14.77 25.40
N ASN A 120 26.90 -15.31 26.09
CA ASN A 120 26.78 -15.24 27.54
C ASN A 120 27.27 -13.87 28.03
N SER A 121 26.88 -13.56 29.26
CA SER A 121 26.99 -12.23 29.81
C SER A 121 28.46 -11.80 30.03
N LYS A 122 29.37 -12.69 30.43
CA LYS A 122 30.74 -12.21 30.56
C LYS A 122 31.35 -12.00 29.18
N ASP A 123 30.88 -12.67 28.13
CA ASP A 123 31.43 -12.41 26.80
C ASP A 123 30.93 -11.06 26.30
N ARG A 124 29.70 -10.65 26.68
CA ARG A 124 29.19 -9.32 26.32
C ARG A 124 29.99 -8.23 27.04
N THR A 125 30.35 -8.44 28.31
CA THR A 125 31.18 -7.49 29.08
C THR A 125 32.55 -7.31 28.40
N THR A 126 33.21 -8.42 28.08
CA THR A 126 34.49 -8.41 27.38
C THR A 126 34.39 -7.64 26.07
N LEU A 127 33.46 -8.04 25.22
CA LEU A 127 33.30 -7.39 23.93
C LEU A 127 32.93 -5.91 24.08
N ALA A 128 32.15 -5.57 25.12
CA ALA A 128 31.75 -4.18 25.36
C ALA A 128 32.98 -3.27 25.59
N GLN A 129 33.97 -3.77 26.35
CA GLN A 129 35.22 -3.06 26.56
C GLN A 129 36.05 -2.97 25.28
N THR A 130 36.25 -4.10 24.60
CA THR A 130 36.92 -4.13 23.30
C THR A 130 36.42 -2.97 22.42
N PHE A 131 35.10 -2.77 22.37
CA PHE A 131 34.50 -1.90 21.38
C PHE A 131 34.10 -0.52 21.92
N LYS A 132 34.36 -0.20 23.20
CA LYS A 132 33.93 1.09 23.75
C LYS A 132 34.43 2.32 22.99
N ASN A 133 35.72 2.39 22.63
CA ASN A 133 36.26 3.55 21.90
C ASN A 133 35.77 3.60 20.46
N GLN A 134 35.91 2.49 19.72
CA GLN A 134 35.76 2.49 18.28
C GLN A 134 34.27 2.33 17.89
N ARG A 135 33.49 1.55 18.67
CA ARG A 135 32.09 1.28 18.32
C ARG A 135 31.22 1.32 19.57
N PRO A 136 30.98 2.52 20.17
CA PRO A 136 30.13 2.62 21.36
C PRO A 136 28.70 2.14 21.14
N ASP A 137 28.24 2.18 19.89
CA ASP A 137 26.94 1.62 19.55
C ASP A 137 26.85 0.11 19.90
N LEU A 138 27.94 -0.65 19.72
CA LEU A 138 27.94 -2.07 20.00
C LEU A 138 28.03 -2.26 21.51
N THR A 139 28.87 -1.42 22.14
CA THR A 139 29.04 -1.46 23.58
C THR A 139 27.69 -1.31 24.28
N ASN A 140 26.86 -0.40 23.75
CA ASN A 140 25.60 -0.05 24.39
C ASN A 140 24.62 -1.23 24.30
N LEU A 141 24.56 -1.87 23.11
CA LEU A 141 23.71 -3.04 22.90
C LEU A 141 24.22 -4.24 23.71
N LEU A 142 25.55 -4.41 23.76
CA LEU A 142 26.13 -5.54 24.51
C LEU A 142 25.75 -5.40 25.96
N LEU A 143 25.93 -4.19 26.51
CA LEU A 143 25.74 -4.01 27.93
C LEU A 143 24.25 -3.95 28.23
N ALA A 144 23.43 -3.57 27.23
CA ALA A 144 21.99 -3.51 27.42
C ALA A 144 21.42 -4.92 27.58
N PHE A 145 21.91 -5.84 26.75
CA PHE A 145 21.49 -7.24 26.85
C PHE A 145 22.00 -7.94 28.13
N ASN A 146 22.90 -7.30 28.91
CA ASN A 146 23.27 -7.82 30.23
C ASN A 146 22.25 -7.39 31.29
N THR A 147 21.21 -6.64 30.92
CA THR A 147 20.16 -6.24 31.84
C THR A 147 18.89 -7.03 31.51
N SER A 148 17.94 -6.99 32.43
CA SER A 148 16.63 -7.55 32.15
C SER A 148 15.77 -6.64 31.27
N ASP A 149 16.16 -5.36 31.00
CA ASP A 149 15.43 -4.50 30.07
C ASP A 149 16.39 -3.73 29.16
N PRO A 150 16.79 -4.33 28.02
CA PRO A 150 17.68 -3.65 27.07
C PRO A 150 17.17 -2.30 26.56
N MET A 151 15.85 -2.19 26.30
CA MET A 151 15.26 -0.96 25.83
C MET A 151 15.50 0.18 26.84
N SER A 152 15.32 -0.11 28.13
CA SER A 152 15.49 0.87 29.17
C SER A 152 16.91 1.40 29.20
N TYR A 153 17.88 0.50 28.95
CA TYR A 153 19.28 0.88 28.98
C TYR A 153 19.60 1.83 27.81
N ILE A 154 19.16 1.43 26.63
CA ILE A 154 19.39 2.17 25.40
C ILE A 154 18.73 3.54 25.48
N VAL A 155 17.52 3.59 26.03
CA VAL A 155 16.78 4.82 26.17
C VAL A 155 17.50 5.78 27.14
N GLN A 156 18.16 5.22 28.16
CA GLN A 156 18.89 6.05 29.11
C GLN A 156 20.13 6.64 28.43
N LYS A 157 20.79 5.90 27.51
CA LYS A 157 21.89 6.47 26.75
C LYS A 157 21.43 7.43 25.63
N GLU A 158 20.13 7.43 25.34
CA GLU A 158 19.57 8.13 24.19
C GLU A 158 20.34 7.71 22.94
N ASP A 159 20.58 6.40 22.81
CA ASP A 159 21.20 5.83 21.62
C ASP A 159 20.09 5.57 20.62
N ILE A 160 19.99 6.42 19.60
CA ILE A 160 18.85 6.42 18.69
C ILE A 160 18.98 5.26 17.70
N ASN A 161 20.18 5.00 17.20
CA ASN A 161 20.38 3.86 16.32
C ASN A 161 20.03 2.56 17.03
N GLY A 162 20.46 2.42 18.28
CA GLY A 162 20.21 1.25 19.11
C GLY A 162 18.72 1.09 19.38
N PHE A 163 18.00 2.23 19.53
CA PHE A 163 16.58 2.17 19.82
C PHE A 163 15.86 1.48 18.68
N PHE A 164 16.17 1.88 17.44
CA PHE A 164 15.51 1.33 16.26
C PHE A 164 15.94 -0.13 16.01
N LYS A 165 17.19 -0.52 16.33
CA LYS A 165 17.66 -1.89 16.20
C LYS A 165 16.87 -2.78 17.18
N LEU A 166 16.62 -2.30 18.39
CA LEU A 166 15.85 -3.00 19.40
C LEU A 166 14.37 -3.12 19.04
N TYR A 167 13.78 -2.01 18.56
CA TYR A 167 12.40 -2.09 18.07
C TYR A 167 12.27 -3.14 16.96
N ASN A 168 13.20 -3.20 16.03
CA ASN A 168 13.09 -4.14 14.92
C ASN A 168 13.31 -5.58 15.38
N TYR A 169 14.21 -5.78 16.37
CA TYR A 169 14.41 -7.06 17.04
C TYR A 169 13.15 -7.51 17.79
N SER A 170 12.53 -6.62 18.57
CA SER A 170 11.29 -6.93 19.28
C SER A 170 10.44 -5.68 19.52
N LYS A 171 9.22 -5.77 19.00
CA LYS A 171 8.11 -4.86 19.24
C LYS A 171 7.59 -4.87 20.68
N LYS A 172 7.94 -5.84 21.52
CA LYS A 172 7.26 -5.96 22.80
C LYS A 172 7.78 -4.89 23.77
N TYR A 173 9.03 -4.45 23.60
CA TYR A 173 9.60 -3.39 24.42
C TYR A 173 8.70 -2.16 24.28
N ASP A 174 8.33 -1.62 25.44
CA ASP A 174 7.53 -0.42 25.57
C ASP A 174 7.98 0.32 26.84
N LEU A 175 8.18 1.63 26.71
CA LEU A 175 8.74 2.45 27.78
C LEU A 175 8.33 3.90 27.49
N ASP A 176 8.13 4.69 28.53
CA ASP A 176 7.94 6.12 28.35
C ASP A 176 9.24 6.77 27.89
N LEU A 177 9.12 7.75 26.98
CA LEU A 177 10.30 8.43 26.45
C LEU A 177 10.17 9.92 26.75
N ASN A 178 11.24 10.55 27.20
CA ASN A 178 11.12 11.93 27.64
C ASN A 178 11.16 12.83 26.39
N THR A 179 11.08 14.16 26.60
CA THR A 179 10.86 15.04 25.49
C THR A 179 12.09 15.08 24.58
N SER A 180 13.27 15.23 25.21
CA SER A 180 14.52 15.20 24.50
C SER A 180 14.64 13.96 23.59
N LEU A 181 14.31 12.76 24.10
CA LEU A 181 14.48 11.54 23.33
C LEU A 181 13.51 11.50 22.15
N VAL A 182 12.20 11.75 22.35
CA VAL A 182 11.26 11.57 21.25
C VAL A 182 11.58 12.57 20.12
N ASN A 183 12.13 13.74 20.45
CA ASN A 183 12.41 14.77 19.47
C ASN A 183 13.63 14.39 18.63
N LYS A 184 14.42 13.40 19.05
CA LYS A 184 15.54 12.90 18.24
C LYS A 184 15.14 11.76 17.29
N LEU A 185 14.05 11.06 17.62
CA LEU A 185 13.64 9.89 16.85
C LEU A 185 13.37 10.24 15.38
N PRO A 186 12.74 11.40 15.04
CA PRO A 186 12.34 11.66 13.65
C PRO A 186 13.50 11.87 12.67
N ASN A 187 14.72 12.05 13.15
CA ASN A 187 15.85 12.26 12.28
C ASN A 187 16.38 10.91 11.76
N HIS A 188 15.80 9.77 12.20
CA HIS A 188 16.19 8.44 11.76
C HIS A 188 15.16 7.92 10.75
N ILE A 189 15.64 7.22 9.70
CA ILE A 189 14.80 6.78 8.57
C ILE A 189 13.67 5.86 9.04
N GLY A 190 13.91 5.08 10.12
CA GLY A 190 12.96 4.12 10.66
C GLY A 190 11.77 4.76 11.39
N PHE A 191 11.84 6.08 11.67
CA PHE A 191 10.83 6.73 12.48
C PHE A 191 9.44 6.65 11.82
N LYS A 192 9.34 6.84 10.50
CA LYS A 192 8.02 7.02 9.91
C LYS A 192 7.18 5.74 10.02
N ASP A 193 7.79 4.59 9.72
CA ASP A 193 7.18 3.25 9.81
C ASP A 193 6.87 2.85 11.27
N PHE A 194 7.84 3.07 12.16
CA PHE A 194 7.65 2.98 13.60
C PHE A 194 6.41 3.76 14.06
N ALA A 195 6.35 5.07 13.76
CA ALA A 195 5.23 5.90 14.20
C ALA A 195 3.91 5.38 13.65
N GLN A 196 3.83 5.19 12.33
CA GLN A 196 2.61 4.73 11.70
C GLN A 196 2.17 3.40 12.31
N ASN A 197 3.12 2.50 12.48
CA ASN A 197 2.79 1.13 12.83
C ASN A 197 2.22 1.07 14.25
N ILE A 198 2.86 1.72 15.24
CA ILE A 198 2.34 1.70 16.60
C ILE A 198 1.06 2.52 16.74
N ILE A 199 0.86 3.57 15.92
CA ILE A 199 -0.36 4.36 16.02
C ILE A 199 -1.55 3.60 15.47
N ILE A 200 -1.47 3.02 14.24
CA ILE A 200 -2.63 2.36 13.63
C ILE A 200 -2.88 0.97 14.23
N LYS A 201 -1.84 0.28 14.73
CA LYS A 201 -2.03 -1.03 15.34
C LYS A 201 -2.46 -0.88 16.80
N LYS A 202 -2.28 0.32 17.39
CA LYS A 202 -2.62 0.61 18.78
C LYS A 202 -1.77 -0.29 19.68
N GLU A 203 -0.48 -0.25 19.44
CA GLU A 203 0.47 -1.00 20.23
C GLU A 203 1.39 -0.01 20.91
N ASN A 204 2.21 -0.52 21.83
CA ASN A 204 3.25 0.28 22.46
C ASN A 204 2.63 1.56 23.01
N PRO A 205 1.65 1.46 23.93
CA PRO A 205 0.95 2.63 24.44
C PRO A 205 1.87 3.69 25.03
N LYS A 206 3.00 3.29 25.63
CA LYS A 206 3.86 4.24 26.30
C LYS A 206 4.67 5.04 25.27
N PHE A 207 5.12 4.37 24.21
CA PHE A 207 5.70 5.02 23.04
C PHE A 207 4.71 6.02 22.45
N ARG A 208 3.47 5.59 22.33
CA ARG A 208 2.41 6.39 21.71
C ARG A 208 2.19 7.68 22.48
N HIS A 209 1.95 7.52 23.78
CA HIS A 209 1.74 8.65 24.68
C HIS A 209 2.95 9.59 24.64
N SER A 210 4.16 9.02 24.64
CA SER A 210 5.36 9.84 24.63
C SER A 210 5.44 10.74 23.39
N MET A 211 4.89 10.29 22.26
CA MET A 211 5.01 10.98 20.98
C MET A 211 4.09 12.21 20.87
N LEU A 212 3.27 12.48 21.88
CA LEU A 212 2.58 13.74 22.05
C LEU A 212 3.54 14.93 22.20
N GLU A 213 4.77 14.69 22.66
CA GLU A 213 5.72 15.74 22.99
C GLU A 213 6.69 15.99 21.82
N ILE A 214 6.43 15.36 20.68
CA ILE A 214 7.28 15.68 19.54
C ILE A 214 6.85 17.08 19.08
N ASN A 215 7.85 17.97 18.94
CA ASN A 215 7.68 19.30 18.40
C ASN A 215 7.29 19.14 16.93
N PRO A 216 6.17 19.74 16.46
CA PRO A 216 5.80 19.66 15.05
C PRO A 216 6.87 20.23 14.11
N GLU A 217 7.71 21.13 14.62
CA GLU A 217 8.85 21.63 13.85
C GLU A 217 9.78 20.51 13.43
N ASN A 218 9.76 19.35 14.12
CA ASN A 218 10.78 18.32 13.92
C ASN A 218 10.29 17.23 12.97
N VAL A 219 9.02 17.30 12.57
CA VAL A 219 8.43 16.28 11.71
C VAL A 219 7.82 16.92 10.48
N SER A 220 7.51 16.06 9.50
CA SER A 220 6.87 16.52 8.28
C SER A 220 6.13 15.39 7.62
N GLU A 221 5.24 15.78 6.69
CA GLU A 221 4.59 14.89 5.75
C GLU A 221 3.80 13.86 6.53
N ASP A 222 3.91 12.58 6.17
CA ASP A 222 3.11 11.52 6.78
C ASP A 222 3.34 11.38 8.29
N SER A 223 4.58 11.52 8.74
CA SER A 223 4.90 11.43 10.15
C SER A 223 4.11 12.47 10.93
N ALA A 224 4.14 13.71 10.43
CA ALA A 224 3.36 14.79 11.02
C ALA A 224 1.87 14.40 11.04
N PHE A 225 1.38 13.86 9.93
CA PHE A 225 -0.01 13.51 9.82
C PHE A 225 -0.36 12.49 10.91
N TYR A 226 0.47 11.42 11.03
CA TYR A 226 0.14 10.32 11.93
C TYR A 226 0.29 10.80 13.37
N LEU A 227 1.22 11.73 13.62
CA LEU A 227 1.28 12.35 14.94
C LEU A 227 0.08 13.21 15.28
N GLY A 228 -0.61 13.76 14.27
CA GLY A 228 -1.88 14.42 14.52
C GLY A 228 -2.97 13.42 14.88
N VAL A 229 -3.05 12.28 14.16
CA VAL A 229 -4.02 11.22 14.44
C VAL A 229 -3.78 10.68 15.85
N ASN A 230 -2.51 10.45 16.19
CA ASN A 230 -2.13 10.06 17.54
C ASN A 230 -2.69 11.08 18.54
N ALA A 231 -2.45 12.38 18.30
CA ALA A 231 -2.92 13.37 19.26
C ALA A 231 -4.44 13.30 19.44
N LEU A 232 -5.21 13.07 18.36
CA LEU A 232 -6.67 13.01 18.46
C LEU A 232 -7.11 11.84 19.35
N THR A 233 -6.42 10.69 19.28
CA THR A 233 -6.78 9.51 20.08
C THR A 233 -6.61 9.81 21.58
N TYR A 234 -5.79 10.79 21.94
CA TYR A 234 -5.62 11.21 23.33
C TYR A 234 -6.40 12.49 23.62
N ASP A 235 -7.31 12.89 22.71
CA ASP A 235 -8.07 14.11 22.80
C ASP A 235 -7.20 15.35 23.07
N LYS A 236 -6.02 15.44 22.44
CA LYS A 236 -5.23 16.65 22.43
C LYS A 236 -5.41 17.41 21.11
N THR A 237 -6.56 18.09 20.99
CA THR A 237 -7.03 18.68 19.73
C THR A 237 -6.06 19.79 19.25
N GLU A 238 -5.47 20.55 20.17
CA GLU A 238 -4.57 21.63 19.86
C GLU A 238 -3.24 21.11 19.31
N LEU A 239 -2.64 20.09 19.96
CA LEU A 239 -1.47 19.41 19.41
C LEU A 239 -1.79 18.80 18.06
N ALA A 240 -2.97 18.19 17.94
CA ALA A 240 -3.32 17.56 16.68
C ALA A 240 -3.33 18.59 15.56
N TYR A 241 -4.02 19.70 15.78
CA TYR A 241 -4.12 20.75 14.78
C TYR A 241 -2.71 21.11 14.32
N ASP A 242 -1.80 21.34 15.28
CA ASP A 242 -0.45 21.79 14.97
C ASP A 242 0.29 20.80 14.08
N PHE A 243 0.08 19.49 14.33
CA PHE A 243 0.70 18.44 13.53
C PHE A 243 0.07 18.38 12.15
N PHE A 244 -1.27 18.48 12.08
CA PHE A 244 -1.96 18.42 10.80
C PHE A 244 -1.59 19.64 9.93
N LYS A 245 -1.44 20.80 10.57
CA LYS A 245 -1.04 22.02 9.90
C LYS A 245 0.35 21.87 9.30
N LYS A 246 1.28 21.26 10.07
CA LYS A 246 2.61 20.99 9.57
C LYS A 246 2.58 20.01 8.40
N ALA A 247 1.75 18.97 8.49
CA ALA A 247 1.60 18.05 7.38
C ALA A 247 1.06 18.76 6.13
N ALA A 248 0.07 19.66 6.31
CA ALA A 248 -0.53 20.35 5.17
C ALA A 248 0.55 21.19 4.48
N GLN A 249 1.42 21.85 5.27
CA GLN A 249 2.49 22.67 4.72
C GLN A 249 3.56 21.86 4.02
N SER A 250 3.77 20.58 4.37
CA SER A 250 4.98 19.89 3.95
C SER A 250 4.68 18.76 2.96
N PHE A 251 3.45 18.24 2.95
CA PHE A 251 3.11 17.14 2.07
C PHE A 251 3.37 17.55 0.60
N LYS A 252 3.84 16.61 -0.23
CA LYS A 252 4.06 16.85 -1.65
C LYS A 252 2.76 16.74 -2.44
N SER A 253 1.93 15.71 -2.18
CA SER A 253 0.73 15.49 -2.99
C SER A 253 -0.42 16.35 -2.45
N GLN A 254 -1.15 16.99 -3.41
CA GLN A 254 -2.32 17.80 -3.11
C GLN A 254 -3.41 16.98 -2.37
N SER A 255 -3.55 15.71 -2.75
CA SER A 255 -4.51 14.80 -2.11
C SER A 255 -4.23 14.65 -0.62
N ASN A 256 -2.94 14.53 -0.27
CA ASN A 256 -2.54 14.37 1.11
C ASN A 256 -2.68 15.71 1.84
N LYS A 257 -2.31 16.81 1.18
CA LYS A 257 -2.50 18.13 1.78
C LYS A 257 -3.96 18.31 2.19
N ASP A 258 -4.85 17.92 1.29
CA ASP A 258 -6.29 18.10 1.48
C ASP A 258 -6.78 17.34 2.69
N ASN A 259 -6.25 16.13 2.87
CA ASN A 259 -6.63 15.28 3.99
C ASN A 259 -6.23 15.99 5.29
N ALA A 260 -5.03 16.59 5.29
CA ALA A 260 -4.52 17.33 6.44
C ALA A 260 -5.31 18.60 6.71
N ILE A 261 -5.62 19.37 5.63
CA ILE A 261 -6.42 20.60 5.71
C ILE A 261 -7.82 20.27 6.21
N PHE A 262 -8.41 19.18 5.75
CA PHE A 262 -9.67 18.73 6.32
C PHE A 262 -9.62 18.58 7.85
N TRP A 263 -8.52 18.00 8.37
CA TRP A 263 -8.43 17.75 9.80
C TRP A 263 -8.30 19.07 10.54
N MET A 264 -7.47 19.99 10.00
CA MET A 264 -7.36 21.36 10.52
C MET A 264 -8.75 21.97 10.63
N TRP A 265 -9.55 21.85 9.57
CA TRP A 265 -10.89 22.43 9.56
C TRP A 265 -11.76 21.77 10.63
N LEU A 266 -11.81 20.43 10.65
CA LEU A 266 -12.68 19.69 11.55
C LEU A 266 -12.40 20.01 13.02
N ILE A 267 -11.12 20.27 13.33
CA ILE A 267 -10.68 20.51 14.69
C ILE A 267 -10.91 21.96 15.09
N LYS A 268 -10.45 22.94 14.30
CA LYS A 268 -10.48 24.36 14.73
C LYS A 268 -11.52 25.22 14.00
N ASN A 269 -12.23 24.66 13.00
CA ASN A 269 -13.38 25.30 12.35
C ASN A 269 -13.07 26.66 11.70
N ASN A 270 -11.87 26.84 11.17
CA ASN A 270 -11.56 28.05 10.43
C ASN A 270 -12.07 27.89 8.99
N GLU A 271 -12.90 28.84 8.55
CA GLU A 271 -13.57 28.73 7.25
C GLU A 271 -12.62 28.98 6.10
N GLU A 272 -11.44 29.59 6.30
CA GLU A 272 -10.47 29.68 5.21
C GLU A 272 -9.86 28.32 4.86
N ASP A 273 -9.73 27.42 5.85
CA ASP A 273 -9.25 26.08 5.61
C ASP A 273 -10.22 25.34 4.71
N LEU A 274 -11.50 25.43 5.03
CA LEU A 274 -12.52 24.74 4.25
C LEU A 274 -12.60 25.32 2.84
N LYS A 275 -12.41 26.64 2.77
CA LYS A 275 -12.46 27.35 1.50
C LYS A 275 -11.33 26.80 0.65
N THR A 276 -10.09 26.85 1.17
CA THR A 276 -8.91 26.31 0.47
C THR A 276 -9.15 24.88 -0.03
N LEU A 277 -9.84 24.07 0.78
CA LEU A 277 -10.04 22.66 0.49
C LEU A 277 -11.11 22.53 -0.59
N SER A 278 -12.17 23.36 -0.54
CA SER A 278 -13.19 23.36 -1.59
C SER A 278 -12.60 23.73 -2.97
N GLN A 279 -11.46 24.45 -2.98
CA GLN A 279 -10.89 24.98 -4.23
C GLN A 279 -9.71 24.13 -4.72
N SER A 280 -9.49 22.94 -4.13
CA SER A 280 -8.41 22.04 -4.51
C SER A 280 -8.55 21.52 -5.95
N SER A 281 -7.39 21.39 -6.59
CA SER A 281 -7.28 20.72 -7.89
C SER A 281 -7.35 19.20 -7.75
N SER A 282 -7.20 18.62 -6.53
CA SER A 282 -7.30 17.19 -6.37
C SER A 282 -8.75 16.84 -6.09
N LEU A 283 -9.21 15.80 -6.80
CA LEU A 283 -10.50 15.20 -6.55
C LEU A 283 -10.33 14.03 -5.58
N ASN A 284 -10.86 14.20 -4.38
CA ASN A 284 -10.75 13.23 -3.31
C ASN A 284 -11.93 13.50 -2.41
N ILE A 285 -12.14 12.64 -1.40
CA ILE A 285 -13.37 12.70 -0.64
C ILE A 285 -13.40 13.98 0.20
N TYR A 286 -12.22 14.51 0.54
CA TYR A 286 -12.10 15.68 1.39
C TYR A 286 -12.51 16.91 0.59
N SER A 287 -11.99 17.06 -0.64
CA SER A 287 -12.31 18.21 -1.47
C SER A 287 -13.75 18.10 -1.98
N LEU A 288 -14.23 16.88 -2.26
CA LEU A 288 -15.62 16.67 -2.65
C LEU A 288 -16.57 17.12 -1.54
N TYR A 289 -16.23 16.76 -0.31
CA TYR A 289 -17.03 17.08 0.84
C TYR A 289 -17.04 18.59 1.09
N ALA A 290 -15.87 19.24 0.99
CA ALA A 290 -15.76 20.67 1.21
C ALA A 290 -16.56 21.47 0.17
N LYS A 291 -16.54 21.02 -1.08
CA LYS A 291 -17.36 21.59 -2.14
C LYS A 291 -18.83 21.48 -1.82
N GLU A 292 -19.24 20.32 -1.27
CA GLU A 292 -20.65 20.13 -0.97
C GLU A 292 -21.08 21.02 0.20
N LEU A 293 -20.20 21.25 1.20
CA LEU A 293 -20.55 22.06 2.34
C LEU A 293 -20.60 23.56 2.01
N THR A 294 -19.98 23.99 0.89
CA THR A 294 -19.87 25.41 0.55
C THR A 294 -20.69 25.73 -0.70
N ASN A 295 -21.59 24.81 -1.08
CA ASN A 295 -22.40 24.95 -2.28
C ASN A 295 -21.55 25.26 -3.53
N THR A 296 -20.35 24.67 -3.61
CA THR A 296 -19.49 24.74 -4.77
C THR A 296 -19.88 23.66 -5.78
N PRO A 297 -19.91 23.96 -7.10
CA PRO A 297 -20.27 22.97 -8.12
C PRO A 297 -19.29 21.79 -8.18
N PHE A 298 -19.86 20.65 -8.54
CA PHE A 298 -19.12 19.42 -8.73
C PHE A 298 -17.96 19.67 -9.70
N PRO A 299 -16.75 19.12 -9.45
CA PRO A 299 -15.63 19.35 -10.36
C PRO A 299 -15.95 18.84 -11.76
N LYS A 300 -15.30 19.46 -12.73
CA LYS A 300 -15.33 19.09 -14.13
C LYS A 300 -14.66 17.74 -14.38
N ILE A 301 -15.44 16.83 -14.98
CA ILE A 301 -14.94 15.55 -15.42
C ILE A 301 -14.74 15.57 -16.94
N GLU A 302 -13.51 15.28 -17.39
CA GLU A 302 -13.21 15.17 -18.81
C GLU A 302 -14.15 14.20 -19.52
N SER A 303 -14.24 14.42 -20.84
CA SER A 303 -15.09 13.63 -21.70
C SER A 303 -14.23 13.10 -22.84
N LEU A 304 -13.94 11.79 -22.78
CA LEU A 304 -13.12 11.14 -23.79
C LEU A 304 -14.06 10.38 -24.71
N ASN A 305 -14.12 10.82 -25.96
CA ASN A 305 -15.04 10.21 -26.90
C ASN A 305 -14.30 10.03 -28.22
N PRO A 306 -13.43 9.01 -28.37
CA PRO A 306 -12.66 8.83 -29.59
C PRO A 306 -13.59 8.39 -30.72
N SER A 307 -13.47 9.03 -31.90
CA SER A 307 -14.23 8.63 -33.07
C SER A 307 -13.68 7.31 -33.63
N LYS A 308 -12.34 7.13 -33.71
CA LYS A 308 -11.74 5.92 -34.28
C LYS A 308 -12.18 4.70 -33.46
N LYS A 309 -12.47 3.58 -34.15
CA LYS A 309 -13.04 2.41 -33.52
C LYS A 309 -11.93 1.52 -32.96
N LYS A 310 -10.89 1.23 -33.75
CA LYS A 310 -9.88 0.25 -33.35
C LYS A 310 -8.49 0.67 -33.80
N ASN A 311 -7.48 -0.10 -33.35
CA ASN A 311 -6.18 -0.09 -33.99
C ASN A 311 -5.64 -1.52 -33.99
N ASN A 312 -4.33 -1.65 -34.23
CA ASN A 312 -3.69 -2.96 -34.39
C ASN A 312 -3.53 -3.67 -33.05
N PHE A 313 -3.62 -2.91 -31.94
CA PHE A 313 -3.21 -3.37 -30.63
C PHE A 313 -4.23 -4.40 -30.10
N ASN A 314 -3.66 -5.51 -29.58
CA ASN A 314 -4.37 -6.58 -28.91
C ASN A 314 -4.49 -6.29 -27.42
N MET A 315 -5.70 -5.83 -27.04
CA MET A 315 -6.07 -5.56 -25.66
C MET A 315 -6.18 -6.85 -24.84
N GLN A 316 -6.06 -8.03 -25.48
CA GLN A 316 -6.14 -9.28 -24.72
C GLN A 316 -4.76 -9.93 -24.56
N ASP A 317 -3.69 -9.27 -25.02
CA ASP A 317 -2.34 -9.82 -24.94
C ASP A 317 -1.66 -9.22 -23.71
N PRO A 318 -1.42 -9.99 -22.63
CA PRO A 318 -0.80 -9.43 -21.42
C PRO A 318 0.65 -8.97 -21.64
N PHE A 319 1.33 -9.55 -22.65
CA PHE A 319 2.72 -9.23 -22.99
C PHE A 319 2.80 -7.89 -23.70
N ALA A 320 1.83 -7.59 -24.56
CA ALA A 320 1.75 -6.30 -25.24
C ALA A 320 1.49 -5.18 -24.23
N TRP A 321 0.63 -5.44 -23.24
CA TRP A 321 0.41 -4.43 -22.21
C TRP A 321 1.71 -4.16 -21.46
N GLN A 322 2.45 -5.20 -21.07
CA GLN A 322 3.65 -4.97 -20.27
C GLN A 322 4.64 -4.13 -21.08
N LYS A 323 4.81 -4.46 -22.36
CA LYS A 323 5.66 -3.74 -23.29
C LYS A 323 5.27 -2.25 -23.31
N ILE A 324 4.00 -1.98 -23.66
CA ILE A 324 3.55 -0.63 -23.94
C ILE A 324 3.49 0.18 -22.62
N ASN A 325 3.24 -0.47 -21.49
CA ASN A 325 3.22 0.25 -20.23
C ASN A 325 4.59 0.85 -19.96
N LYS A 326 5.66 0.06 -20.19
CA LYS A 326 7.00 0.49 -19.87
C LYS A 326 7.39 1.67 -20.77
N GLN A 327 7.05 1.60 -22.08
CA GLN A 327 7.20 2.73 -22.99
C GLN A 327 6.44 3.97 -22.51
N ILE A 328 5.16 3.81 -22.18
CA ILE A 328 4.39 4.95 -21.70
C ILE A 328 5.09 5.61 -20.51
N ARG A 329 5.53 4.85 -19.50
CA ARG A 329 6.05 5.38 -18.23
C ARG A 329 7.43 6.01 -18.38
N ASP A 330 8.12 5.70 -19.49
CA ASP A 330 9.48 6.13 -19.74
C ASP A 330 9.51 7.15 -20.90
N ALA A 331 8.37 7.70 -21.30
CA ALA A 331 8.34 8.57 -22.47
C ALA A 331 8.43 10.04 -22.05
N ASN A 332 9.21 10.82 -22.83
CA ASN A 332 9.29 12.27 -22.72
C ASN A 332 7.97 12.90 -23.19
N ALA A 333 7.80 14.22 -23.00
CA ALA A 333 6.55 14.92 -23.34
C ALA A 333 6.23 14.77 -24.83
N SER A 334 7.26 14.61 -25.66
CA SER A 334 7.12 14.43 -27.11
C SER A 334 6.50 13.08 -27.48
N GLN A 335 6.98 12.00 -26.86
CA GLN A 335 6.63 10.64 -27.26
C GLN A 335 5.23 10.29 -26.74
N LEU A 336 4.84 10.86 -25.59
CA LEU A 336 3.47 10.78 -25.09
C LEU A 336 2.46 11.31 -26.11
N ASP A 337 2.84 12.31 -26.92
CA ASP A 337 1.92 12.86 -27.92
C ASP A 337 1.72 11.87 -29.05
N VAL A 338 2.79 11.13 -29.43
CA VAL A 338 2.69 10.17 -30.53
C VAL A 338 1.85 8.97 -30.10
N LEU A 339 1.98 8.61 -28.81
CA LEU A 339 1.29 7.47 -28.21
C LEU A 339 -0.18 7.83 -27.97
N ALA A 340 -0.46 9.06 -27.55
CA ALA A 340 -1.82 9.53 -27.35
C ALA A 340 -2.63 9.40 -28.64
N LYS A 341 -2.01 9.75 -29.78
CA LYS A 341 -2.70 9.68 -31.06
C LYS A 341 -2.90 8.23 -31.46
N GLU A 342 -1.86 7.40 -31.31
CA GLU A 342 -1.99 6.01 -31.73
C GLU A 342 -3.14 5.34 -30.96
N PHE A 343 -3.34 5.65 -29.67
CA PHE A 343 -4.24 4.90 -28.80
C PHE A 343 -5.61 5.59 -28.62
N ASP A 344 -5.80 6.73 -29.31
CA ASP A 344 -7.07 7.44 -29.34
C ASP A 344 -8.11 6.68 -30.17
N THR A 345 -8.63 5.59 -29.60
CA THR A 345 -9.66 4.75 -30.19
C THR A 345 -10.53 4.19 -29.07
N GLN A 346 -11.78 3.82 -29.42
CA GLN A 346 -12.72 3.21 -28.47
C GLN A 346 -12.13 1.91 -27.92
N GLU A 347 -11.50 1.10 -28.79
CA GLU A 347 -11.05 -0.23 -28.41
C GLU A 347 -9.90 -0.14 -27.40
N THR A 348 -9.03 0.89 -27.53
CA THR A 348 -7.91 1.11 -26.62
C THR A 348 -8.15 2.28 -25.68
N LEU A 349 -9.41 2.57 -25.35
CA LEU A 349 -9.77 3.74 -24.57
C LEU A 349 -9.06 3.74 -23.21
N PRO A 350 -8.94 2.60 -22.47
CA PRO A 350 -8.24 2.60 -21.18
C PRO A 350 -6.77 2.99 -21.31
N ILE A 351 -6.13 2.65 -22.43
CA ILE A 351 -4.74 3.04 -22.64
C ILE A 351 -4.64 4.54 -22.96
N TYR A 352 -5.54 5.06 -23.81
CA TYR A 352 -5.64 6.48 -24.10
C TYR A 352 -5.72 7.27 -22.80
N ALA A 353 -6.66 6.93 -21.91
CA ALA A 353 -6.84 7.65 -20.67
C ALA A 353 -5.60 7.56 -19.79
N TYR A 354 -4.92 6.41 -19.82
CA TYR A 354 -3.70 6.18 -19.05
C TYR A 354 -2.58 7.13 -19.51
N ILE A 355 -2.42 7.19 -20.85
CA ILE A 355 -1.51 8.14 -21.47
C ILE A 355 -1.90 9.58 -21.13
N LEU A 356 -3.19 9.98 -21.27
CA LEU A 356 -3.57 11.38 -21.02
C LEU A 356 -3.36 11.77 -19.55
N GLU A 357 -3.48 10.82 -18.62
CA GLU A 357 -3.23 11.09 -17.21
C GLU A 357 -1.76 11.47 -17.00
N ARG A 358 -0.83 10.81 -17.69
CA ARG A 358 0.60 11.12 -17.61
C ARG A 358 0.94 12.38 -18.42
N LYS A 359 0.23 12.60 -19.54
CA LYS A 359 0.52 13.66 -20.50
C LYS A 359 0.23 15.03 -19.87
N ASN A 360 -0.81 15.09 -19.02
CA ASN A 360 -1.30 16.34 -18.42
C ASN A 360 -0.80 16.48 -16.99
N ASN A 361 0.15 15.62 -16.60
CA ASN A 361 0.76 15.63 -15.26
C ASN A 361 -0.33 15.63 -14.19
N PHE A 362 -1.28 14.70 -14.30
CA PHE A 362 -2.24 14.30 -13.26
C PHE A 362 -3.14 15.48 -12.82
N LYS A 363 -3.43 16.37 -13.77
CA LYS A 363 -4.05 17.68 -13.59
C LYS A 363 -5.57 17.57 -13.83
N LYS A 364 -6.00 16.73 -14.80
CA LYS A 364 -7.41 16.62 -15.17
C LYS A 364 -8.02 15.31 -14.65
N HIS A 365 -9.35 15.26 -14.64
CA HIS A 365 -10.08 14.17 -13.99
C HIS A 365 -10.69 13.23 -15.03
N TYR A 366 -10.13 12.00 -15.13
CA TYR A 366 -10.58 11.00 -16.09
C TYR A 366 -11.26 9.83 -15.40
N PHE A 367 -12.51 9.63 -15.82
CA PHE A 367 -13.42 8.66 -15.26
C PHE A 367 -14.18 7.98 -16.40
N ILE A 368 -13.46 7.11 -17.12
CA ILE A 368 -14.00 6.43 -18.29
C ILE A 368 -14.92 5.29 -17.86
N MET A 369 -15.71 4.86 -18.84
CA MET A 369 -16.74 3.86 -18.70
C MET A 369 -16.62 2.85 -19.84
N PRO A 370 -15.51 2.08 -19.96
CA PRO A 370 -15.30 1.21 -21.12
C PRO A 370 -16.04 -0.11 -20.99
N TYR A 371 -16.30 -0.73 -22.16
CA TYR A 371 -17.05 -1.98 -22.25
C TYR A 371 -18.38 -1.79 -21.50
N TYR A 372 -18.98 -0.60 -21.65
CA TYR A 372 -20.17 -0.20 -20.89
C TYR A 372 -21.36 -1.16 -21.13
N ASP A 373 -21.46 -1.74 -22.33
CA ASP A 373 -22.55 -2.64 -22.67
C ASP A 373 -22.69 -3.77 -21.65
N ASN A 374 -21.59 -4.21 -21.02
CA ASN A 374 -21.66 -5.32 -20.08
C ASN A 374 -22.30 -4.95 -18.75
N ILE A 375 -22.47 -3.64 -18.44
CA ILE A 375 -23.05 -3.24 -17.15
C ILE A 375 -24.26 -2.32 -17.29
N LYS A 376 -24.65 -1.87 -18.49
CA LYS A 376 -25.73 -0.90 -18.61
C LYS A 376 -27.07 -1.40 -18.07
N ASP A 377 -27.19 -2.71 -17.77
CA ASP A 377 -28.43 -3.32 -17.28
C ASP A 377 -28.44 -3.47 -15.76
N TYR A 378 -27.31 -3.26 -15.07
CA TYR A 378 -27.36 -3.16 -13.62
C TYR A 378 -27.95 -1.80 -13.25
N ASN A 379 -28.46 -1.68 -12.02
CA ASN A 379 -28.93 -0.36 -11.57
C ASN A 379 -27.70 0.55 -11.48
N LYS A 380 -27.93 1.86 -11.43
CA LYS A 380 -26.87 2.82 -11.65
C LYS A 380 -25.89 2.87 -10.47
N THR A 381 -26.38 2.57 -9.26
CA THR A 381 -25.58 2.56 -8.05
C THR A 381 -24.55 1.43 -8.14
N ARG A 382 -25.01 0.25 -8.60
CA ARG A 382 -24.13 -0.89 -8.80
C ARG A 382 -23.13 -0.57 -9.91
N GLN A 383 -23.58 0.08 -10.98
CA GLN A 383 -22.70 0.46 -12.06
C GLN A 383 -21.54 1.29 -11.50
N ALA A 384 -21.85 2.17 -10.54
CA ALA A 384 -20.89 3.16 -10.10
C ALA A 384 -19.85 2.51 -9.19
N LEU A 385 -20.30 1.54 -8.41
CA LEU A 385 -19.44 0.76 -7.53
C LEU A 385 -18.49 -0.12 -8.35
N ILE A 386 -19.00 -0.77 -9.39
CA ILE A 386 -18.19 -1.59 -10.28
C ILE A 386 -17.13 -0.72 -10.90
N LEU A 387 -17.55 0.39 -11.50
CA LEU A 387 -16.62 1.30 -12.17
C LEU A 387 -15.60 1.89 -11.17
N ALA A 388 -16.04 2.15 -9.96
CA ALA A 388 -15.17 2.78 -8.97
C ALA A 388 -14.03 1.84 -8.58
N ILE A 389 -14.37 0.56 -8.40
CA ILE A 389 -13.47 -0.51 -8.01
C ILE A 389 -12.50 -0.72 -9.17
N ALA A 390 -13.03 -0.81 -10.39
CA ALA A 390 -12.23 -1.06 -11.58
C ALA A 390 -11.21 0.04 -11.84
N ARG A 391 -11.65 1.30 -11.68
CA ARG A 391 -10.77 2.44 -11.88
C ARG A 391 -9.57 2.36 -10.92
N GLN A 392 -9.82 2.10 -9.64
CA GLN A 392 -8.76 1.89 -8.67
C GLN A 392 -7.93 0.61 -8.93
N GLU A 393 -8.55 -0.52 -9.28
CA GLU A 393 -7.85 -1.79 -9.36
C GLU A 393 -6.86 -1.78 -10.54
N SER A 394 -7.31 -1.33 -11.72
CA SER A 394 -6.60 -1.58 -12.96
C SER A 394 -6.51 -0.36 -13.87
N ARG A 395 -7.20 0.74 -13.54
CA ARG A 395 -7.43 1.78 -14.54
C ARG A 395 -8.05 1.20 -15.82
N PHE A 396 -8.85 0.13 -15.67
CA PHE A 396 -9.59 -0.49 -16.77
C PHE A 396 -8.68 -1.24 -17.77
N ILE A 397 -7.42 -1.61 -17.39
CA ILE A 397 -6.54 -2.34 -18.29
C ILE A 397 -6.96 -3.82 -18.26
N PRO A 398 -7.45 -4.40 -19.38
CA PRO A 398 -8.03 -5.75 -19.35
C PRO A 398 -7.05 -6.84 -18.89
N THR A 399 -5.75 -6.70 -19.25
CA THR A 399 -4.75 -7.69 -18.89
C THR A 399 -3.82 -7.23 -17.76
N ALA A 400 -4.33 -6.41 -16.84
CA ALA A 400 -3.54 -6.04 -15.66
C ALA A 400 -3.23 -7.26 -14.84
N ILE A 401 -2.02 -7.24 -14.26
CA ILE A 401 -1.51 -8.28 -13.38
C ILE A 401 -0.79 -7.59 -12.23
N SER A 402 -1.24 -7.84 -11.02
CA SER A 402 -0.55 -7.33 -9.84
C SER A 402 0.63 -8.23 -9.48
N VAL A 403 1.39 -7.77 -8.47
CA VAL A 403 2.56 -8.47 -7.96
C VAL A 403 2.16 -9.79 -7.28
N SER A 404 0.89 -9.93 -6.88
CA SER A 404 0.39 -11.20 -6.36
C SER A 404 -0.47 -11.92 -7.40
N TYR A 405 -0.30 -11.54 -8.67
CA TYR A 405 -0.97 -12.12 -9.83
C TYR A 405 -2.49 -12.07 -9.72
N ALA A 406 -3.04 -10.99 -9.18
CA ALA A 406 -4.46 -10.65 -9.37
C ALA A 406 -4.66 -10.21 -10.82
N LEU A 407 -5.80 -10.59 -11.45
CA LEU A 407 -5.99 -10.54 -12.90
C LEU A 407 -7.17 -9.67 -13.39
N GLY A 408 -6.90 -8.92 -14.45
CA GLY A 408 -7.86 -8.22 -15.28
C GLY A 408 -8.33 -6.91 -14.64
N MET A 409 -9.36 -6.31 -15.25
CA MET A 409 -9.91 -5.03 -14.83
C MET A 409 -10.35 -5.00 -13.36
N MET A 410 -10.83 -6.12 -12.82
CA MET A 410 -11.38 -6.16 -11.47
C MET A 410 -10.44 -6.88 -10.51
N GLN A 411 -9.26 -7.27 -11.01
CA GLN A 411 -8.13 -7.74 -10.20
C GLN A 411 -8.56 -8.84 -9.24
N PHE A 412 -9.01 -9.96 -9.81
CA PHE A 412 -9.33 -11.16 -9.06
C PHE A 412 -8.10 -12.03 -8.81
N MET A 413 -7.89 -12.40 -7.54
CA MET A 413 -6.93 -13.44 -7.22
CA MET A 413 -7.02 -13.50 -7.11
C MET A 413 -7.40 -14.74 -7.92
N PRO A 414 -6.48 -15.56 -8.45
CA PRO A 414 -6.89 -16.81 -9.14
C PRO A 414 -7.74 -17.79 -8.32
N PHE A 415 -7.50 -17.89 -7.00
CA PHE A 415 -8.33 -18.74 -6.16
C PHE A 415 -9.81 -18.36 -6.30
N LEU A 416 -10.13 -17.09 -6.05
CA LEU A 416 -11.51 -16.62 -6.13
C LEU A 416 -12.10 -16.76 -7.54
N ALA A 417 -11.32 -16.39 -8.55
CA ALA A 417 -11.72 -16.49 -9.94
C ALA A 417 -12.12 -17.94 -10.29
N ASN A 418 -11.35 -18.92 -9.81
CA ASN A 418 -11.61 -20.34 -10.05
C ASN A 418 -12.82 -20.80 -9.24
N HIS A 419 -12.90 -20.44 -7.96
CA HIS A 419 -14.08 -20.75 -7.16
C HIS A 419 -15.37 -20.30 -7.85
N ILE A 420 -15.46 -19.03 -8.31
CA ILE A 420 -16.67 -18.50 -8.93
C ILE A 420 -16.92 -19.16 -10.29
N GLY A 421 -15.86 -19.26 -11.12
CA GLY A 421 -15.98 -19.70 -12.50
C GLY A 421 -16.24 -21.22 -12.68
N GLU A 422 -15.64 -22.06 -11.83
CA GLU A 422 -15.67 -23.51 -11.99
C GLU A 422 -16.75 -24.09 -11.08
N LYS A 423 -16.65 -23.80 -9.79
CA LYS A 423 -17.57 -24.29 -8.77
C LYS A 423 -18.94 -23.58 -8.81
N GLU A 424 -19.05 -22.24 -8.91
CA GLU A 424 -20.36 -21.62 -8.77
C GLU A 424 -21.07 -21.53 -10.12
N LEU A 425 -20.38 -21.05 -11.17
CA LEU A 425 -21.02 -20.70 -12.43
C LEU A 425 -20.83 -21.80 -13.47
N LYS A 426 -20.17 -22.89 -13.04
CA LYS A 426 -19.61 -23.98 -13.85
C LYS A 426 -19.56 -23.63 -15.34
N ILE A 427 -18.81 -22.56 -15.66
CA ILE A 427 -18.60 -22.10 -17.01
C ILE A 427 -17.82 -23.19 -17.74
N PRO A 428 -18.28 -23.63 -18.95
CA PRO A 428 -17.55 -24.62 -19.74
C PRO A 428 -16.12 -24.16 -20.07
N ASN A 429 -15.14 -24.96 -19.61
CA ASN A 429 -13.73 -24.80 -19.93
C ASN A 429 -13.15 -23.53 -19.30
N PHE A 430 -13.65 -23.17 -18.11
CA PHE A 430 -13.18 -21.97 -17.44
C PHE A 430 -11.68 -22.11 -17.21
N ASP A 431 -10.98 -21.04 -17.57
CA ASP A 431 -9.61 -20.82 -17.17
C ASP A 431 -9.54 -19.45 -16.47
N GLN A 432 -8.66 -19.33 -15.46
CA GLN A 432 -8.46 -18.09 -14.72
C GLN A 432 -8.17 -16.91 -15.64
N ASP A 433 -7.54 -17.13 -16.79
CA ASP A 433 -7.24 -16.04 -17.72
C ASP A 433 -8.51 -15.44 -18.37
N PHE A 434 -9.68 -16.03 -18.09
CA PHE A 434 -10.94 -15.42 -18.48
C PHE A 434 -11.15 -14.09 -17.76
N MET A 435 -10.45 -13.85 -16.64
CA MET A 435 -10.54 -12.59 -15.91
C MET A 435 -10.04 -11.41 -16.73
N PHE A 436 -9.28 -11.69 -17.79
CA PHE A 436 -8.78 -10.66 -18.69
C PHE A 436 -9.84 -10.25 -19.72
N LYS A 437 -10.96 -10.98 -19.76
CA LYS A 437 -12.07 -10.58 -20.61
C LYS A 437 -12.95 -9.60 -19.84
N PRO A 438 -13.18 -8.39 -20.41
CA PRO A 438 -14.06 -7.39 -19.78
C PRO A 438 -15.42 -7.95 -19.36
N GLU A 439 -16.04 -8.80 -20.18
CA GLU A 439 -17.37 -9.32 -19.88
C GLU A 439 -17.27 -10.14 -18.59
N ILE A 440 -16.16 -10.88 -18.49
CA ILE A 440 -15.99 -11.79 -17.37
C ILE A 440 -15.66 -11.00 -16.10
N ALA A 441 -14.71 -10.06 -16.23
CA ALA A 441 -14.28 -9.21 -15.12
C ALA A 441 -15.50 -8.50 -14.51
N TYR A 442 -16.30 -7.78 -15.32
CA TYR A 442 -17.48 -7.05 -14.83
C TYR A 442 -18.50 -8.01 -14.21
N TYR A 443 -18.73 -9.17 -14.86
CA TYR A 443 -19.70 -10.16 -14.39
C TYR A 443 -19.28 -10.72 -13.04
N PHE A 444 -18.00 -11.13 -12.93
CA PHE A 444 -17.52 -11.69 -11.68
C PHE A 444 -17.47 -10.59 -10.61
N GLY A 445 -17.14 -9.37 -11.02
CA GLY A 445 -17.09 -8.26 -10.10
C GLY A 445 -18.47 -7.94 -9.52
N ASN A 446 -19.50 -7.93 -10.37
CA ASN A 446 -20.87 -7.76 -9.93
C ASN A 446 -21.25 -8.84 -8.92
N TYR A 447 -20.95 -10.10 -9.25
CA TYR A 447 -21.27 -11.23 -8.38
C TYR A 447 -20.59 -11.09 -7.02
N HIS A 448 -19.29 -10.74 -7.05
CA HIS A 448 -18.57 -10.67 -5.79
C HIS A 448 -19.05 -9.46 -4.99
N LEU A 449 -19.38 -8.36 -5.67
CA LEU A 449 -19.86 -7.17 -4.98
C LEU A 449 -21.24 -7.42 -4.36
N ASN A 450 -22.13 -8.22 -4.99
CA ASN A 450 -23.36 -8.66 -4.34
C ASN A 450 -23.06 -9.34 -3.02
N TYR A 451 -22.12 -10.30 -3.05
CA TYR A 451 -21.79 -11.00 -1.83
C TYR A 451 -21.42 -9.98 -0.75
N LEU A 452 -20.56 -8.99 -1.08
CA LEU A 452 -19.96 -8.12 -0.05
C LEU A 452 -20.95 -7.06 0.46
N GLU A 453 -21.67 -6.43 -0.47
CA GLU A 453 -22.68 -5.42 -0.18
C GLU A 453 -23.84 -6.01 0.61
N SER A 454 -24.23 -7.25 0.32
CA SER A 454 -25.30 -7.88 1.08
C SER A 454 -24.96 -7.97 2.58
N ARG A 455 -23.67 -8.09 2.94
CA ARG A 455 -23.26 -8.19 4.35
C ARG A 455 -22.78 -6.87 4.95
N LEU A 456 -22.31 -5.91 4.13
CA LEU A 456 -21.58 -4.75 4.65
C LEU A 456 -22.32 -3.44 4.37
N LYS A 457 -23.00 -3.34 3.22
CA LYS A 457 -23.96 -2.27 2.95
C LYS A 457 -23.23 -1.03 2.41
N SER A 458 -22.43 -0.36 3.28
CA SER A 458 -21.70 0.82 2.86
C SER A 458 -20.71 0.49 1.75
N PRO A 459 -20.60 1.36 0.71
CA PRO A 459 -19.63 1.14 -0.36
C PRO A 459 -18.19 1.31 0.14
N LEU A 460 -18.00 2.08 1.22
CA LEU A 460 -16.68 2.19 1.81
C LEU A 460 -16.23 0.83 2.40
N PHE A 461 -17.11 0.20 3.18
CA PHE A 461 -16.83 -1.10 3.77
C PHE A 461 -16.69 -2.18 2.69
N VAL A 462 -17.49 -2.12 1.64
CA VAL A 462 -17.34 -3.04 0.52
C VAL A 462 -15.95 -2.89 -0.08
N ALA A 463 -15.47 -1.64 -0.18
CA ALA A 463 -14.18 -1.34 -0.77
C ALA A 463 -13.09 -1.99 0.09
N TYR A 464 -13.13 -1.76 1.38
CA TYR A 464 -12.19 -2.37 2.29
C TYR A 464 -12.18 -3.89 2.10
N ALA A 465 -13.37 -4.52 2.05
CA ALA A 465 -13.47 -5.97 1.98
C ALA A 465 -13.02 -6.46 0.60
N TYR A 466 -13.24 -5.66 -0.43
CA TYR A 466 -12.84 -6.04 -1.77
C TYR A 466 -11.32 -6.07 -1.85
N ASN A 467 -10.65 -5.17 -1.11
CA ASN A 467 -9.21 -5.06 -1.21
C ASN A 467 -8.52 -6.01 -0.22
N GLY A 468 -9.07 -6.13 0.99
CA GLY A 468 -8.37 -6.77 2.10
C GLY A 468 -9.07 -8.02 2.64
N GLY A 469 -10.23 -8.37 2.07
CA GLY A 469 -11.02 -9.50 2.51
C GLY A 469 -12.11 -9.13 3.53
N ILE A 470 -13.24 -9.87 3.48
CA ILE A 470 -14.36 -9.62 4.38
C ILE A 470 -14.01 -10.05 5.80
N GLY A 471 -13.04 -10.97 5.90
CA GLY A 471 -12.49 -11.41 7.18
C GLY A 471 -12.02 -10.23 8.01
N PHE A 472 -11.03 -9.51 7.45
CA PHE A 472 -10.41 -8.37 8.12
C PHE A 472 -11.42 -7.23 8.29
N THR A 473 -12.32 -7.04 7.32
CA THR A 473 -13.31 -5.99 7.42
C THR A 473 -14.26 -6.27 8.60
N ASN A 474 -14.79 -7.50 8.70
CA ASN A 474 -15.73 -7.86 9.78
C ASN A 474 -15.06 -7.74 11.14
N ARG A 475 -13.75 -8.05 11.22
CA ARG A 475 -13.00 -7.94 12.46
C ARG A 475 -12.76 -6.48 12.84
N MET A 476 -12.51 -5.61 11.86
CA MET A 476 -12.33 -4.20 12.20
C MET A 476 -13.65 -3.58 12.66
N LEU A 477 -14.76 -3.95 11.98
CA LEU A 477 -16.09 -3.42 12.31
C LEU A 477 -16.64 -3.99 13.60
N ALA A 478 -16.10 -5.13 14.07
CA ALA A 478 -16.48 -5.69 15.36
C ALA A 478 -15.85 -4.93 16.52
N ARG A 479 -14.79 -4.15 16.27
CA ARG A 479 -14.09 -3.46 17.34
C ARG A 479 -14.96 -2.34 17.90
N ASN A 480 -14.79 -2.10 19.21
CA ASN A 480 -15.48 -1.08 20.00
C ASN A 480 -15.15 0.34 19.53
N ASP A 481 -13.96 0.53 18.94
CA ASP A 481 -13.42 1.85 18.71
C ASP A 481 -13.44 2.22 17.22
N MET A 482 -14.18 1.48 16.35
CA MET A 482 -14.12 1.67 14.91
C MET A 482 -15.53 1.80 14.33
N PHE A 483 -15.72 2.96 13.68
CA PHE A 483 -16.94 3.32 12.97
C PHE A 483 -18.14 3.33 13.90
N LYS A 484 -17.93 3.89 15.11
CA LYS A 484 -18.95 4.12 16.10
C LYS A 484 -19.20 5.63 16.19
N THR A 485 -20.05 6.03 17.14
CA THR A 485 -20.36 7.44 17.33
C THR A 485 -19.16 8.12 17.97
N GLY A 486 -18.90 9.37 17.58
CA GLY A 486 -17.90 10.20 18.22
C GLY A 486 -17.77 11.55 17.52
N LYS A 487 -17.17 12.48 18.26
CA LYS A 487 -16.83 13.83 17.85
C LYS A 487 -16.36 13.87 16.38
N PHE A 488 -15.32 13.07 16.09
CA PHE A 488 -14.55 13.18 14.85
C PHE A 488 -14.79 11.98 13.93
N GLU A 489 -15.88 11.25 14.17
CA GLU A 489 -16.27 10.08 13.39
C GLU A 489 -17.13 10.49 12.21
N PRO A 490 -17.14 9.74 11.07
CA PRO A 490 -16.35 8.53 10.90
C PRO A 490 -14.93 8.79 10.39
N PHE A 491 -14.54 10.06 10.30
CA PHE A 491 -13.27 10.42 9.67
C PHE A 491 -12.09 9.82 10.43
N LEU A 492 -12.15 9.84 11.76
CA LEU A 492 -11.05 9.32 12.56
C LEU A 492 -10.84 7.81 12.27
N SER A 493 -11.95 7.06 12.21
CA SER A 493 -11.88 5.63 11.96
C SER A 493 -11.21 5.32 10.63
N MET A 494 -11.46 6.16 9.61
CA MET A 494 -10.91 5.98 8.26
C MET A 494 -9.39 6.20 8.26
N GLU A 495 -8.89 6.90 9.27
CA GLU A 495 -7.46 7.07 9.49
C GLU A 495 -6.81 5.89 10.25
N LEU A 496 -7.62 5.00 10.87
CA LEU A 496 -7.12 3.99 11.80
C LEU A 496 -7.40 2.57 11.26
N VAL A 497 -7.80 2.48 10.00
CA VAL A 497 -7.88 1.19 9.34
C VAL A 497 -6.49 0.57 9.39
N PRO A 498 -6.36 -0.63 10.00
CA PRO A 498 -5.06 -1.18 10.36
C PRO A 498 -4.13 -1.62 9.21
N TYR A 499 -4.59 -1.69 7.94
CA TYR A 499 -3.65 -1.84 6.82
C TYR A 499 -3.66 -0.61 5.90
N GLN A 500 -2.46 -0.01 5.76
CA GLN A 500 -2.24 1.15 4.94
C GLN A 500 -2.87 1.04 3.54
N GLU A 501 -2.68 -0.09 2.88
CA GLU A 501 -3.18 -0.26 1.53
C GLU A 501 -4.71 -0.13 1.49
N SER A 502 -5.41 -0.74 2.46
CA SER A 502 -6.87 -0.74 2.56
C SER A 502 -7.42 0.64 2.95
N ARG A 503 -6.72 1.32 3.86
CA ARG A 503 -7.05 2.67 4.30
C ARG A 503 -7.12 3.62 3.11
N ILE A 504 -6.15 3.46 2.21
CA ILE A 504 -5.98 4.32 1.06
C ILE A 504 -7.00 3.93 -0.01
N TYR A 505 -7.15 2.62 -0.19
CA TYR A 505 -8.00 2.07 -1.21
C TYR A 505 -9.43 2.57 -1.05
N GLY A 506 -9.92 2.45 0.18
CA GLY A 506 -11.28 2.82 0.55
C GLY A 506 -11.59 4.30 0.28
N LYS A 507 -10.66 5.20 0.64
CA LYS A 507 -10.76 6.63 0.35
C LYS A 507 -10.85 6.92 -1.14
N LYS A 508 -9.99 6.25 -1.90
CA LYS A 508 -9.93 6.42 -3.33
C LYS A 508 -11.19 5.91 -3.98
N VAL A 509 -11.62 4.69 -3.60
CA VAL A 509 -12.75 4.03 -4.23
C VAL A 509 -14.04 4.82 -3.95
N LEU A 510 -14.21 5.31 -2.72
CA LEU A 510 -15.30 6.18 -2.32
C LEU A 510 -15.39 7.47 -3.15
N ALA A 511 -14.31 8.24 -3.35
CA ALA A 511 -14.34 9.33 -4.31
C ALA A 511 -14.83 8.87 -5.69
N ASN A 512 -14.29 7.75 -6.18
CA ASN A 512 -14.61 7.30 -7.52
C ASN A 512 -16.10 7.03 -7.63
N TYR A 513 -16.64 6.34 -6.63
CA TYR A 513 -18.04 6.00 -6.50
C TYR A 513 -18.92 7.25 -6.56
N ILE A 514 -18.57 8.29 -5.79
CA ILE A 514 -19.30 9.53 -5.78
C ILE A 514 -19.32 10.11 -7.19
N VAL A 515 -18.14 10.15 -7.82
CA VAL A 515 -18.02 10.74 -9.12
C VAL A 515 -18.87 9.96 -10.14
N TYR A 516 -18.81 8.62 -10.10
CA TYR A 516 -19.47 7.84 -11.14
C TYR A 516 -20.98 7.92 -10.93
N ARG A 517 -21.45 7.98 -9.68
CA ARG A 517 -22.85 8.19 -9.40
C ARG A 517 -23.31 9.51 -10.01
N HIS A 518 -22.49 10.55 -9.90
CA HIS A 518 -22.79 11.82 -10.54
C HIS A 518 -22.87 11.73 -12.07
N LEU A 519 -21.85 11.16 -12.71
CA LEU A 519 -21.84 10.99 -14.15
C LEU A 519 -23.03 10.19 -14.66
N LEU A 520 -23.53 9.23 -13.87
CA LEU A 520 -24.66 8.41 -14.29
C LEU A 520 -26.03 9.03 -13.93
N ASN A 521 -26.09 10.31 -13.51
CA ASN A 521 -27.33 10.97 -13.09
C ASN A 521 -28.03 10.21 -11.99
N ASP A 522 -27.22 9.82 -10.99
CA ASP A 522 -27.71 9.15 -9.80
C ASP A 522 -26.94 9.68 -8.59
N SER A 523 -26.80 10.99 -8.55
CA SER A 523 -26.09 11.71 -7.51
C SER A 523 -26.46 11.22 -6.13
N ILE A 524 -25.46 11.18 -5.25
CA ILE A 524 -25.71 11.10 -3.83
C ILE A 524 -24.74 12.07 -3.16
N LYS A 525 -25.24 12.67 -2.09
CA LYS A 525 -24.47 13.52 -1.21
C LYS A 525 -23.49 12.68 -0.42
N ILE A 526 -22.22 13.12 -0.41
CA ILE A 526 -21.18 12.39 0.29
C ILE A 526 -21.42 12.52 1.79
N SER A 527 -22.13 13.56 2.22
CA SER A 527 -22.50 13.66 3.63
C SER A 527 -23.43 12.51 4.02
N ASP A 528 -24.22 11.98 3.08
CA ASP A 528 -25.12 10.88 3.42
C ASP A 528 -24.32 9.59 3.60
N ILE A 529 -23.27 9.42 2.78
CA ILE A 529 -22.40 8.27 2.84
C ILE A 529 -21.75 8.24 4.22
N PHE A 530 -21.24 9.41 4.66
CA PHE A 530 -20.56 9.54 5.93
C PHE A 530 -21.50 9.27 7.11
N GLU A 531 -22.76 9.73 7.05
CA GLU A 531 -23.72 9.42 8.11
C GLU A 531 -23.97 7.91 8.24
N ASN A 532 -24.06 7.19 7.10
CA ASN A 532 -24.33 5.76 7.08
C ASN A 532 -23.13 4.92 7.57
N LEU A 533 -21.96 5.54 7.83
CA LEU A 533 -20.78 4.84 8.30
C LEU A 533 -20.84 4.63 9.81
N ILE A 534 -21.67 5.38 10.54
CA ILE A 534 -21.57 5.35 12.00
C ILE A 534 -22.24 4.09 12.60
C1 4AM B . -5.92 -10.22 -0.47
O1A 4AM B . -6.07 -10.59 0.71
O1B 4AM B . -4.85 -10.01 -1.03
C2 4AM B . -7.16 -10.00 -1.33
C3 4AM B . -8.32 -10.58 -0.98
C4 4AM B . -9.59 -10.24 -1.71
N4 4AM B . -10.56 -11.37 -1.62
C5 4AM B . -9.27 -9.85 -3.17
N5 4AM B . -10.47 -9.58 -3.98
C10 4AM B . -10.66 -10.11 -5.19
O10 4AM B . -10.06 -11.11 -5.60
C11 4AM B . -11.66 -9.39 -6.05
C6 4AM B . -8.23 -8.70 -3.15
O6 4AM B . -7.01 -9.20 -2.50
C7 4AM B . -7.88 -8.11 -4.53
O7 4AM B . -7.37 -9.17 -5.35
C8 4AM B . -6.91 -6.87 -4.65
O8 4AM B . -7.57 -5.65 -4.21
C9 4AM B . -6.45 -6.64 -6.09
O9 4AM B . -5.14 -6.09 -6.20
C1 CIT C . -7.80 16.19 -22.68
O1 CIT C . -8.47 15.70 -21.74
O2 CIT C . -6.54 16.12 -22.76
C2 CIT C . -8.59 16.92 -23.76
C3 CIT C . -9.81 16.18 -24.36
O7 CIT C . -10.67 15.72 -23.31
C4 CIT C . -9.25 15.01 -25.17
C5 CIT C . -10.23 14.05 -25.84
O3 CIT C . -11.48 14.20 -25.69
O4 CIT C . -9.74 13.15 -26.52
C6 CIT C . -10.58 17.18 -25.27
O5 CIT C . -11.41 17.95 -24.73
O6 CIT C . -10.30 17.18 -26.50
#